data_3MFW
#
_entry.id   3MFW
#
_cell.length_a   90.338
_cell.length_b   90.338
_cell.length_c   69.429
_cell.angle_alpha   90.00
_cell.angle_beta   90.00
_cell.angle_gamma   120.00
#
_symmetry.space_group_name_H-M   'P 3'
#
loop_
_entity.id
_entity.type
_entity.pdbx_description
1 polymer Arginase-1
2 non-polymer 'SULFATE ION'
3 non-polymer 2-amino-L-histidine
4 non-polymer 'MANGANESE (II) ION'
5 water water
#
_entity_poly.entity_id   1
_entity_poly.type   'polypeptide(L)'
_entity_poly.pdbx_seq_one_letter_code
;MSAKSRTIGIIGAPFSKGQPRGGVEEGPTVLRKAGLLEKLKEQECDVKDYGDLPFADIPNDSPFQIVKNPRSVGKASEQL
AGKVAEVKKNGRISLVLGGDHSLAIGSISGHARVHPDLGVIWVDAHTDINTPLTTTSGNLHGQPVSFLLKELKGKIPDVP
GFSWVTPCISAKDIVYIGLRDVDPGEHYILKTLGIKYFSMTEVDRLGIGKVMEETLSYLLGRKKRPIHLSFDVDGLDPSF
TPATGTPVVGGLTYREGLYITEEIYKTGLLSGLDIMEVNPSLGKTPEEVTRTVNTAVAITLACFGLAREGNHKPIDYLNP
PK
;
_entity_poly.pdbx_strand_id   A,B
#
# COMPACT_ATOMS: atom_id res chain seq x y z
N SER A 5 14.19 36.84 17.96
CA SER A 5 13.12 36.51 17.03
C SER A 5 13.50 35.38 16.08
N ARG A 6 12.50 35.01 15.24
CA ARG A 6 12.81 33.85 14.43
C ARG A 6 12.06 33.75 13.09
N THR A 7 12.95 33.74 12.13
CA THR A 7 12.85 33.49 10.73
C THR A 7 12.57 32.01 10.51
N ILE A 8 11.67 31.75 9.58
CA ILE A 8 11.25 30.43 9.16
C ILE A 8 11.50 30.24 7.67
N GLY A 9 11.93 29.04 7.28
CA GLY A 9 12.04 28.70 5.86
C GLY A 9 11.20 27.45 5.59
N ILE A 10 10.11 27.60 4.86
CA ILE A 10 9.22 26.48 4.59
C ILE A 10 9.76 25.68 3.42
N ILE A 11 9.75 24.35 3.55
CA ILE A 11 10.09 23.44 2.49
C ILE A 11 9.00 22.42 2.28
N GLY A 12 8.32 22.40 1.12
CA GLY A 12 7.38 21.31 0.89
C GLY A 12 8.17 20.07 0.39
N ALA A 13 7.84 18.91 0.92
CA ALA A 13 8.47 17.66 0.52
C ALA A 13 7.39 16.66 0.16
N PRO A 14 6.81 16.81 -1.03
CA PRO A 14 5.73 15.96 -1.50
C PRO A 14 6.26 14.63 -1.99
N PHE A 15 6.43 13.78 -0.99
CA PHE A 15 7.06 12.56 -1.22
C PHE A 15 6.40 11.38 -0.44
N SER A 16 6.12 10.23 -1.06
CA SER A 16 5.40 9.13 -0.46
C SER A 16 6.10 7.79 -0.48
N LYS A 17 7.20 7.61 -1.25
CA LYS A 17 7.73 6.27 -1.45
C LYS A 17 8.49 5.61 -0.31
N GLY A 18 8.49 6.26 0.85
CA GLY A 18 9.00 5.62 2.06
C GLY A 18 7.96 4.67 2.62
N GLN A 19 6.77 4.61 2.01
CA GLN A 19 5.71 3.74 2.49
C GLN A 19 4.74 3.45 1.32
N PRO A 20 3.78 2.56 1.50
CA PRO A 20 3.00 2.20 0.29
C PRO A 20 1.85 3.09 -0.11
N ARG A 21 1.25 3.89 0.77
CA ARG A 21 -0.01 4.52 0.46
C ARG A 21 0.18 5.89 -0.16
N GLY A 22 -0.48 6.02 -1.33
CA GLY A 22 -0.39 7.30 -1.96
C GLY A 22 -1.32 8.26 -1.20
N GLY A 23 -0.96 9.50 -1.34
CA GLY A 23 -1.72 10.59 -0.76
C GLY A 23 -0.85 11.40 0.18
N VAL A 24 0.11 10.76 0.90
CA VAL A 24 0.94 11.60 1.78
C VAL A 24 1.74 12.66 1.04
N GLU A 25 1.96 12.45 -0.26
CA GLU A 25 2.65 13.47 -1.06
C GLU A 25 1.79 14.74 -1.16
N GLU A 26 0.50 14.66 -0.84
CA GLU A 26 -0.35 15.86 -0.85
C GLU A 26 -0.27 16.66 0.45
N GLY A 27 0.42 16.21 1.48
CA GLY A 27 0.49 16.96 2.72
C GLY A 27 0.91 18.40 2.56
N PRO A 28 1.98 18.72 1.85
CA PRO A 28 2.36 20.13 1.73
C PRO A 28 1.21 20.93 1.11
N THR A 29 0.55 20.34 0.13
CA THR A 29 -0.58 21.06 -0.48
C THR A 29 -1.68 21.32 0.52
N VAL A 30 -2.17 20.28 1.21
CA VAL A 30 -3.31 20.64 2.07
C VAL A 30 -2.85 21.51 3.24
N LEU A 31 -1.57 21.35 3.66
CA LEU A 31 -1.21 22.27 4.76
C LEU A 31 -1.17 23.72 4.30
N ARG A 32 -0.63 23.99 3.11
CA ARG A 32 -0.60 25.36 2.61
C ARG A 32 -2.03 25.86 2.40
N LYS A 33 -2.89 25.00 1.90
CA LYS A 33 -4.26 25.38 1.53
C LYS A 33 -5.04 25.81 2.78
N ALA A 34 -4.60 25.28 3.91
CA ALA A 34 -5.26 25.54 5.18
C ALA A 34 -4.80 26.89 5.71
N GLY A 35 -3.95 27.57 4.97
CA GLY A 35 -3.48 28.89 5.33
C GLY A 35 -2.33 28.93 6.32
N LEU A 36 -1.52 27.87 6.36
CA LEU A 36 -0.36 27.87 7.27
C LEU A 36 0.55 29.06 7.12
N LEU A 37 0.87 29.45 5.87
CA LEU A 37 1.89 30.47 5.74
C LEU A 37 1.35 31.79 6.28
N GLU A 38 0.05 32.00 6.02
CA GLU A 38 -0.53 33.29 6.42
C GLU A 38 -0.66 33.34 7.93
N LYS A 39 -1.01 32.17 8.50
CA LYS A 39 -1.20 32.12 9.94
C LYS A 39 0.14 32.27 10.66
N LEU A 40 1.20 31.78 10.02
CA LEU A 40 2.52 31.97 10.62
C LEU A 40 2.84 33.46 10.57
N LYS A 41 2.57 34.11 9.43
CA LYS A 41 2.93 35.54 9.33
C LYS A 41 2.19 36.39 10.36
N GLU A 42 1.07 35.86 10.86
CA GLU A 42 0.21 36.53 11.81
C GLU A 42 0.89 36.58 13.17
N GLN A 43 1.79 35.64 13.37
CA GLN A 43 2.57 35.63 14.60
C GLN A 43 3.80 36.50 14.41
N GLU A 44 4.82 36.31 15.25
CA GLU A 44 6.04 37.10 15.06
C GLU A 44 6.80 36.81 13.79
N CYS A 45 6.28 36.05 12.82
CA CYS A 45 7.16 35.28 11.96
C CYS A 45 7.48 35.89 10.60
N ASP A 46 8.78 35.89 10.38
CA ASP A 46 9.45 36.28 9.14
C ASP A 46 9.51 35.03 8.29
N VAL A 47 8.59 34.89 7.35
CA VAL A 47 8.43 33.60 6.70
C VAL A 47 8.80 33.58 5.22
N LYS A 48 9.74 32.70 4.89
CA LYS A 48 10.14 32.52 3.49
C LYS A 48 9.80 31.12 2.99
N ASP A 49 9.12 31.02 1.86
CA ASP A 49 8.74 29.74 1.29
C ASP A 49 9.75 29.33 0.23
N TYR A 50 10.39 28.20 0.48
CA TYR A 50 11.40 27.71 -0.43
C TYR A 50 10.78 26.81 -1.52
N GLY A 51 9.48 26.68 -1.50
CA GLY A 51 8.70 25.95 -2.49
C GLY A 51 8.67 24.46 -2.12
N ASP A 52 8.06 23.70 -2.98
CA ASP A 52 7.92 22.26 -2.94
C ASP A 52 9.07 21.63 -3.71
N LEU A 53 9.90 20.82 -3.08
CA LEU A 53 10.94 20.15 -3.88
C LEU A 53 10.32 19.31 -4.99
N PRO A 54 10.92 19.44 -6.17
CA PRO A 54 10.58 18.60 -7.32
C PRO A 54 11.40 17.31 -7.27
N PHE A 55 10.77 16.24 -6.81
CA PHE A 55 11.36 14.94 -6.73
C PHE A 55 11.14 14.19 -8.04
N ALA A 56 12.17 14.08 -8.88
CA ALA A 56 11.84 13.42 -10.15
C ALA A 56 11.62 11.92 -9.91
N ASP A 57 10.75 11.37 -10.76
CA ASP A 57 10.49 9.94 -10.79
C ASP A 57 11.78 9.16 -11.07
N ILE A 58 11.97 8.08 -10.33
CA ILE A 58 13.04 7.11 -10.60
C ILE A 58 12.40 5.80 -10.95
N PRO A 59 12.22 5.60 -12.27
CA PRO A 59 11.35 4.50 -12.69
C PRO A 59 11.98 3.16 -12.41
N ASN A 60 13.31 3.08 -12.54
CA ASN A 60 14.04 1.85 -12.22
C ASN A 60 14.55 1.84 -10.77
N ASP A 61 13.72 1.25 -9.89
CA ASP A 61 14.01 1.28 -8.45
C ASP A 61 13.47 0.03 -7.82
N SER A 62 14.05 -1.14 -8.09
CA SER A 62 13.58 -2.42 -7.58
C SER A 62 14.12 -2.57 -6.14
N PRO A 63 13.42 -3.36 -5.36
CA PRO A 63 13.81 -3.45 -3.93
C PRO A 63 15.25 -3.87 -3.77
N PHE A 64 15.80 -3.44 -2.63
CA PHE A 64 17.08 -3.95 -2.17
C PHE A 64 16.79 -4.94 -1.07
N GLN A 65 17.00 -6.23 -1.34
CA GLN A 65 16.48 -7.21 -0.40
C GLN A 65 14.99 -6.99 -0.27
N ILE A 66 14.47 -6.63 0.92
CA ILE A 66 13.03 -6.39 0.88
C ILE A 66 12.72 -4.90 1.02
N VAL A 67 13.75 -4.07 1.03
CA VAL A 67 13.60 -2.64 1.20
C VAL A 67 13.09 -2.04 -0.11
N LYS A 68 11.98 -1.34 -0.02
CA LYS A 68 11.27 -0.82 -1.17
C LYS A 68 11.63 0.59 -1.53
N ASN A 69 11.66 0.87 -2.83
CA ASN A 69 11.93 2.18 -3.40
C ASN A 69 13.19 2.86 -2.85
N PRO A 70 14.27 2.10 -2.71
CA PRO A 70 15.41 2.69 -1.95
C PRO A 70 16.01 3.85 -2.68
N ARG A 71 16.11 3.79 -4.04
CA ARG A 71 16.76 4.90 -4.72
C ARG A 71 15.96 6.18 -4.68
N SER A 72 14.63 6.01 -4.73
CA SER A 72 13.71 7.11 -4.66
C SER A 72 13.79 7.81 -3.30
N VAL A 73 13.76 6.95 -2.26
CA VAL A 73 13.81 7.48 -0.89
C VAL A 73 15.15 8.13 -0.62
N GLY A 74 16.22 7.44 -1.05
CA GLY A 74 17.56 7.98 -0.78
C GLY A 74 17.75 9.31 -1.46
N LYS A 75 17.30 9.38 -2.73
CA LYS A 75 17.51 10.64 -3.46
C LYS A 75 16.62 11.74 -2.92
N ALA A 76 15.38 11.41 -2.52
CA ALA A 76 14.55 12.50 -1.98
C ALA A 76 15.17 13.11 -0.71
N SER A 77 15.71 12.21 0.10
CA SER A 77 16.33 12.66 1.33
C SER A 77 17.62 13.42 1.02
N GLU A 78 18.39 12.96 0.01
CA GLU A 78 19.58 13.73 -0.37
C GLU A 78 19.22 15.12 -0.79
N GLN A 79 18.17 15.30 -1.60
CA GLN A 79 17.75 16.59 -2.08
C GLN A 79 17.25 17.45 -0.95
N LEU A 80 16.47 16.82 -0.06
CA LEU A 80 15.94 17.61 1.06
C LEU A 80 17.06 18.05 1.99
N ALA A 81 18.08 17.21 2.17
CA ALA A 81 19.21 17.57 3.06
C ALA A 81 19.85 18.83 2.48
N GLY A 82 20.02 18.82 1.15
CA GLY A 82 20.62 20.00 0.51
C GLY A 82 19.87 21.27 0.85
N LYS A 83 18.54 21.19 0.77
CA LYS A 83 17.69 22.36 0.89
C LYS A 83 17.57 22.83 2.33
N VAL A 84 17.45 21.87 3.24
CA VAL A 84 17.43 22.23 4.67
C VAL A 84 18.74 22.91 5.06
N ALA A 85 19.85 22.44 4.52
CA ALA A 85 21.13 23.10 4.90
C ALA A 85 21.13 24.53 4.37
N GLU A 86 20.53 24.73 3.20
CA GLU A 86 20.50 26.08 2.63
C GLU A 86 19.69 26.96 3.57
N VAL A 87 18.47 26.52 3.91
CA VAL A 87 17.64 27.31 4.83
C VAL A 87 18.38 27.62 6.11
N LYS A 88 19.07 26.64 6.68
CA LYS A 88 19.78 26.85 7.95
C LYS A 88 20.90 27.87 7.79
N LYS A 89 21.63 27.75 6.68
CA LYS A 89 22.69 28.74 6.47
C LYS A 89 22.11 30.13 6.27
N ASN A 90 20.88 30.24 5.79
CA ASN A 90 20.16 31.49 5.67
C ASN A 90 19.64 31.98 7.04
N GLY A 91 19.99 31.28 8.12
CA GLY A 91 19.66 31.70 9.47
C GLY A 91 18.19 31.58 9.81
N ARG A 92 17.54 30.61 9.19
CA ARG A 92 16.12 30.39 9.40
C ARG A 92 15.83 29.04 10.03
N ILE A 93 14.69 28.92 10.70
CA ILE A 93 14.26 27.59 11.16
C ILE A 93 13.64 26.84 9.97
N SER A 94 14.18 25.66 9.73
CA SER A 94 13.63 24.90 8.59
C SER A 94 12.32 24.25 9.01
N LEU A 95 11.33 24.31 8.14
CA LEU A 95 10.03 23.72 8.44
C LEU A 95 9.72 22.82 7.25
N VAL A 96 9.89 21.51 7.45
CA VAL A 96 9.65 20.57 6.37
C VAL A 96 8.22 20.08 6.44
N LEU A 97 7.48 20.28 5.35
CA LEU A 97 6.09 19.75 5.34
C LEU A 97 6.12 18.42 4.62
N GLY A 98 5.82 17.30 5.24
CA GLY A 98 5.92 16.03 4.47
C GLY A 98 4.52 15.68 3.92
N GLY A 99 4.42 14.54 3.25
CA GLY A 99 5.57 13.67 3.02
C GLY A 99 5.70 12.60 4.12
N ASP A 100 6.23 11.43 3.77
CA ASP A 100 6.39 10.37 4.75
C ASP A 100 7.68 10.54 5.54
N HIS A 101 7.74 9.83 6.66
CA HIS A 101 8.79 10.12 7.63
C HIS A 101 10.16 9.67 7.20
N SER A 102 10.26 8.99 6.05
CA SER A 102 11.62 8.65 5.62
C SER A 102 12.42 9.92 5.36
N LEU A 103 11.77 11.00 5.05
CA LEU A 103 12.40 12.29 4.73
C LEU A 103 13.22 12.83 5.89
N ALA A 104 12.93 12.32 7.09
CA ALA A 104 13.73 12.76 8.22
C ALA A 104 15.20 12.42 8.00
N ILE A 105 15.57 11.40 7.22
CA ILE A 105 17.01 11.20 7.00
C ILE A 105 17.60 12.45 6.41
N GLY A 106 16.88 12.97 5.41
CA GLY A 106 17.45 14.18 4.79
C GLY A 106 17.31 15.40 5.66
N SER A 107 16.17 15.53 6.35
CA SER A 107 15.97 16.77 7.12
C SER A 107 16.97 16.88 8.25
N ILE A 108 17.14 15.79 8.98
CA ILE A 108 18.10 15.86 10.11
C ILE A 108 19.52 15.92 9.56
N SER A 109 19.86 15.16 8.52
CA SER A 109 21.19 15.23 7.91
C SER A 109 21.59 16.62 7.50
N GLY A 110 20.70 17.29 6.78
CA GLY A 110 20.93 18.63 6.25
C GLY A 110 21.04 19.62 7.39
N HIS A 111 20.15 19.49 8.38
CA HIS A 111 20.25 20.36 9.55
C HIS A 111 21.60 20.21 10.23
N ALA A 112 22.03 18.99 10.45
CA ALA A 112 23.26 18.69 11.14
C ALA A 112 24.49 19.17 10.38
N ARG A 113 24.34 19.36 9.07
CA ARG A 113 25.50 19.91 8.36
C ARG A 113 25.86 21.31 8.84
N VAL A 114 24.82 22.06 9.21
CA VAL A 114 24.97 23.44 9.66
C VAL A 114 25.05 23.49 11.18
N HIS A 115 24.36 22.55 11.84
CA HIS A 115 24.44 22.49 13.30
C HIS A 115 24.70 21.10 13.84
N PRO A 116 25.93 20.62 13.82
CA PRO A 116 26.25 19.26 14.19
C PRO A 116 25.93 18.92 15.64
N ASP A 117 25.65 19.91 16.49
CA ASP A 117 25.45 19.67 17.92
C ASP A 117 23.97 19.49 18.26
N LEU A 118 23.16 19.39 17.21
CA LEU A 118 21.71 19.35 17.39
C LEU A 118 21.28 18.16 18.23
N GLY A 119 20.10 18.37 18.83
CA GLY A 119 19.43 17.27 19.53
C GLY A 119 18.04 17.05 18.92
N VAL A 120 17.61 15.79 18.94
CA VAL A 120 16.34 15.52 18.24
C VAL A 120 15.23 15.10 19.20
N ILE A 121 14.06 15.67 19.05
CA ILE A 121 12.86 15.14 19.69
C ILE A 121 11.96 14.54 18.58
N TRP A 122 11.61 13.30 18.83
CA TRP A 122 10.92 12.54 17.79
C TRP A 122 9.56 12.12 18.37
N VAL A 123 8.51 12.72 17.81
CA VAL A 123 7.17 12.54 18.38
C VAL A 123 6.42 11.61 17.40
N ASP A 124 6.00 10.45 17.87
CA ASP A 124 5.57 9.41 16.93
C ASP A 124 5.05 8.23 17.73
N ALA A 125 4.09 7.49 17.21
CA ALA A 125 3.71 6.20 17.74
C ALA A 125 4.80 5.14 17.55
N HIS A 126 5.65 5.38 16.57
CA HIS A 126 6.65 4.42 16.10
C HIS A 126 8.08 4.94 16.35
N THR A 127 9.05 4.01 16.51
CA THR A 127 10.42 4.49 16.66
C THR A 127 11.17 4.73 15.38
N ASP A 128 10.65 4.12 14.29
CA ASP A 128 11.22 4.35 12.97
C ASP A 128 12.72 4.06 12.95
N ILE A 129 13.15 3.03 13.68
CA ILE A 129 14.56 2.78 13.89
C ILE A 129 14.92 1.40 13.38
N ASN A 130 14.07 0.77 12.53
CA ASN A 130 14.53 -0.49 11.96
C ASN A 130 15.69 -0.21 11.02
N THR A 131 16.53 -1.25 10.91
CA THR A 131 17.56 -1.18 9.92
C THR A 131 17.05 -1.89 8.67
N PRO A 132 17.75 -1.77 7.57
CA PRO A 132 17.37 -2.60 6.41
C PRO A 132 17.28 -4.09 6.67
N LEU A 133 17.89 -4.61 7.72
CA LEU A 133 17.90 -6.03 8.05
C LEU A 133 16.95 -6.42 9.14
N THR A 134 16.50 -5.46 9.97
CA THR A 134 15.50 -5.80 10.95
C THR A 134 14.08 -5.45 10.45
N THR A 135 13.97 -4.59 9.43
CA THR A 135 12.61 -4.35 8.93
C THR A 135 11.95 -5.64 8.44
N THR A 136 10.66 -5.72 8.74
CA THR A 136 9.89 -6.83 8.14
C THR A 136 9.02 -6.28 7.02
N SER A 137 8.67 -5.00 7.03
CA SER A 137 7.78 -4.40 6.04
C SER A 137 8.54 -3.93 4.80
N GLY A 138 9.79 -3.53 4.97
CA GLY A 138 10.57 -3.01 3.83
C GLY A 138 10.28 -1.53 3.60
N ASN A 139 9.36 -0.94 4.39
CA ASN A 139 9.04 0.47 4.16
C ASN A 139 10.06 1.40 4.79
N LEU A 140 10.64 2.33 4.02
CA LEU A 140 11.77 3.09 4.56
C LEU A 140 11.31 4.11 5.57
N HIS A 141 10.01 4.43 5.66
CA HIS A 141 9.59 5.38 6.69
C HIS A 141 9.70 4.74 8.08
N GLY A 142 9.95 3.44 8.14
CA GLY A 142 10.08 2.73 9.42
C GLY A 142 11.56 2.54 9.72
N GLN A 143 12.45 3.10 8.93
CA GLN A 143 13.89 3.00 9.18
C GLN A 143 14.67 4.29 9.35
N PRO A 144 14.18 5.51 9.27
CA PRO A 144 15.09 6.68 9.10
C PRO A 144 16.11 6.80 10.24
N VAL A 145 15.67 6.49 11.48
CA VAL A 145 16.58 6.76 12.58
C VAL A 145 17.81 5.87 12.52
N SER A 146 17.69 4.64 11.99
CA SER A 146 18.84 3.76 11.95
C SER A 146 19.94 4.32 11.04
N PHE A 147 19.50 5.11 10.05
CA PHE A 147 20.49 5.66 9.11
C PHE A 147 21.25 6.82 9.74
N LEU A 148 20.60 7.40 10.75
CA LEU A 148 21.19 8.62 11.32
C LEU A 148 22.10 8.33 12.49
N LEU A 149 21.92 7.17 13.15
CA LEU A 149 22.68 6.94 14.38
C LEU A 149 24.09 6.42 14.12
N LYS A 150 25.08 7.04 14.75
CA LYS A 150 26.48 6.60 14.56
C LYS A 150 26.69 5.19 15.08
N GLU A 151 26.05 4.84 16.20
CA GLU A 151 26.20 3.50 16.76
C GLU A 151 25.77 2.38 15.83
N LEU A 152 24.97 2.71 14.82
CA LEU A 152 24.41 1.64 13.99
C LEU A 152 25.19 1.54 12.67
N LYS A 153 26.24 2.33 12.55
CA LYS A 153 27.20 2.12 11.47
C LYS A 153 27.92 0.79 11.78
N GLY A 154 27.97 0.01 10.73
CA GLY A 154 28.33 -1.39 10.85
C GLY A 154 27.07 -2.18 10.58
N LYS A 155 25.92 -1.64 10.99
CA LYS A 155 24.69 -2.43 10.82
C LYS A 155 23.84 -2.02 9.64
N ILE A 156 24.25 -1.03 8.88
CA ILE A 156 23.40 -0.56 7.79
C ILE A 156 24.13 -1.00 6.52
N PRO A 157 23.54 -1.90 5.75
CA PRO A 157 24.19 -2.31 4.51
C PRO A 157 24.27 -1.14 3.56
N ASP A 158 25.06 -1.30 2.49
CA ASP A 158 25.06 -0.28 1.45
C ASP A 158 23.82 -0.39 0.58
N VAL A 159 22.77 0.34 0.96
CA VAL A 159 21.53 0.43 0.23
C VAL A 159 21.60 1.44 -0.91
N PRO A 160 21.20 1.03 -2.12
CA PRO A 160 21.32 1.99 -3.23
C PRO A 160 20.45 3.23 -2.98
N GLY A 161 21.08 4.40 -3.18
CA GLY A 161 20.40 5.68 -2.98
C GLY A 161 20.91 6.33 -1.70
N PHE A 162 21.61 5.56 -0.88
CA PHE A 162 21.99 6.20 0.39
C PHE A 162 23.48 6.34 0.59
N SER A 163 24.28 6.26 -0.46
CA SER A 163 25.73 6.31 -0.25
C SER A 163 26.19 7.66 0.28
N TRP A 164 25.36 8.69 0.16
CA TRP A 164 25.65 10.04 0.58
C TRP A 164 25.45 10.21 2.10
N VAL A 165 24.78 9.27 2.76
CA VAL A 165 24.52 9.43 4.19
C VAL A 165 25.74 9.23 5.05
N THR A 166 25.87 10.19 6.00
CA THR A 166 26.82 9.93 7.07
C THR A 166 26.09 10.05 8.42
N PRO A 167 26.11 9.04 9.25
CA PRO A 167 25.37 9.16 10.54
C PRO A 167 25.84 10.39 11.29
N CYS A 168 24.89 11.18 11.81
CA CYS A 168 25.23 12.49 12.34
C CYS A 168 24.81 12.64 13.79
N ILE A 169 24.13 11.63 14.34
CA ILE A 169 23.68 11.77 15.72
C ILE A 169 24.03 10.49 16.46
N SER A 170 24.25 10.66 17.75
CA SER A 170 24.44 9.59 18.71
C SER A 170 23.12 9.30 19.41
N ALA A 171 23.11 8.07 19.88
CA ALA A 171 21.95 7.56 20.58
C ALA A 171 21.61 8.55 21.70
N LYS A 172 22.57 9.23 22.35
CA LYS A 172 22.19 10.09 23.44
C LYS A 172 21.59 11.45 23.01
N ASP A 173 21.51 11.77 21.73
CA ASP A 173 21.02 13.01 21.17
C ASP A 173 19.60 12.92 20.60
N ILE A 174 18.89 11.85 20.88
CA ILE A 174 17.47 11.77 20.46
C ILE A 174 16.61 11.41 21.66
N VAL A 175 15.40 11.96 21.76
CA VAL A 175 14.38 11.50 22.67
C VAL A 175 13.08 11.24 21.86
N TYR A 176 12.50 10.10 22.15
CA TYR A 176 11.22 9.74 21.58
C TYR A 176 10.10 10.12 22.56
N ILE A 177 8.98 10.56 21.99
CA ILE A 177 7.77 10.72 22.83
C ILE A 177 6.59 10.16 22.06
N GLY A 178 5.79 9.29 22.67
CA GLY A 178 4.54 8.92 22.00
C GLY A 178 4.45 7.46 21.67
N LEU A 179 5.51 6.69 21.89
CA LEU A 179 5.70 5.37 21.35
C LEU A 179 4.63 4.43 21.87
N ARG A 180 4.09 3.62 20.95
CA ARG A 180 3.11 2.61 21.32
C ARG A 180 3.02 1.53 20.25
N ASP A 181 3.86 1.56 19.22
CA ASP A 181 3.86 0.39 18.31
C ASP A 181 5.30 0.13 17.84
N VAL A 182 6.03 -0.62 18.65
CA VAL A 182 7.50 -0.74 18.47
C VAL A 182 7.82 -2.19 18.12
N ASP A 183 8.55 -2.44 17.04
CA ASP A 183 8.87 -3.84 16.71
C ASP A 183 9.90 -4.43 17.66
N PRO A 184 10.00 -5.75 17.80
CA PRO A 184 10.98 -6.37 18.69
C PRO A 184 12.41 -5.97 18.38
N GLY A 185 12.86 -5.97 17.12
CA GLY A 185 14.26 -5.57 16.87
C GLY A 185 14.45 -4.10 17.24
N GLU A 186 13.46 -3.29 17.01
CA GLU A 186 13.51 -1.90 17.41
C GLU A 186 13.64 -1.76 18.92
N HIS A 187 12.84 -2.53 19.65
CA HIS A 187 12.94 -2.45 21.11
C HIS A 187 14.32 -2.88 21.56
N TYR A 188 14.85 -3.94 20.95
CA TYR A 188 16.22 -4.35 21.28
C TYR A 188 17.17 -3.22 21.04
N ILE A 189 17.07 -2.52 19.88
CA ILE A 189 17.99 -1.43 19.64
C ILE A 189 17.82 -0.34 20.69
N LEU A 190 16.59 0.00 21.06
CA LEU A 190 16.45 1.01 22.10
C LEU A 190 17.21 0.66 23.38
N LYS A 191 17.02 -0.57 23.85
CA LYS A 191 17.60 -0.99 25.13
C LYS A 191 19.09 -1.16 25.00
N THR A 192 19.51 -1.66 23.83
CA THR A 192 20.95 -1.86 23.66
C THR A 192 21.69 -0.55 23.56
N LEU A 193 21.13 0.41 22.80
CA LEU A 193 21.88 1.66 22.67
C LEU A 193 21.61 2.64 23.82
N GLY A 194 20.66 2.36 24.67
CA GLY A 194 20.34 3.21 25.81
C GLY A 194 19.65 4.49 25.37
N ILE A 195 18.79 4.35 24.33
CA ILE A 195 18.06 5.52 23.91
C ILE A 195 17.00 5.96 24.89
N LYS A 196 16.82 7.29 24.98
CA LYS A 196 15.87 7.85 25.96
C LYS A 196 14.48 7.90 25.33
N TYR A 197 13.45 7.39 25.99
CA TYR A 197 12.15 7.39 25.33
C TYR A 197 11.08 7.55 26.41
N PHE A 198 10.01 8.19 25.96
CA PHE A 198 8.78 8.24 26.75
C PHE A 198 7.68 7.58 25.89
N SER A 199 7.48 6.31 26.11
CA SER A 199 6.37 5.62 25.47
C SER A 199 5.09 6.18 26.10
N MET A 200 3.94 5.82 25.53
CA MET A 200 2.71 6.25 26.15
C MET A 200 2.59 5.79 27.60
N THR A 201 3.20 4.64 27.93
CA THR A 201 3.24 4.25 29.36
C THR A 201 3.90 5.30 30.25
N GLU A 202 5.02 5.83 29.80
CA GLU A 202 5.65 6.89 30.58
C GLU A 202 4.82 8.17 30.59
N VAL A 203 4.17 8.48 29.45
CA VAL A 203 3.37 9.72 29.50
C VAL A 203 2.23 9.52 30.50
N ASP A 204 1.69 8.29 30.53
CA ASP A 204 0.62 8.03 31.50
C ASP A 204 1.11 8.13 32.95
N ARG A 205 2.27 7.56 33.19
CA ARG A 205 2.83 7.53 34.52
C ARG A 205 3.14 8.93 35.04
N LEU A 206 3.84 9.72 34.23
CA LEU A 206 4.47 10.95 34.68
C LEU A 206 3.65 12.20 34.39
N GLY A 207 2.85 12.13 33.31
CA GLY A 207 2.16 13.32 32.83
C GLY A 207 3.06 14.04 31.83
N ILE A 208 2.44 14.70 30.85
CA ILE A 208 3.23 15.32 29.81
C ILE A 208 4.10 16.43 30.36
N GLY A 209 3.68 17.02 31.49
CA GLY A 209 4.51 18.10 32.05
C GLY A 209 5.91 17.57 32.40
N LYS A 210 5.92 16.52 33.22
CA LYS A 210 7.18 15.93 33.62
C LYS A 210 7.93 15.31 32.44
N VAL A 211 7.18 14.67 31.52
CA VAL A 211 7.85 14.20 30.30
C VAL A 211 8.65 15.31 29.61
N MET A 212 8.10 16.50 29.42
CA MET A 212 8.86 17.54 28.72
C MET A 212 10.01 18.08 29.58
N GLU A 213 9.71 18.20 30.86
CA GLU A 213 10.81 18.63 31.73
C GLU A 213 12.01 17.70 31.57
N GLU A 214 11.72 16.39 31.64
CA GLU A 214 12.83 15.46 31.53
C GLU A 214 13.39 15.42 30.13
N THR A 215 12.53 15.59 29.11
CA THR A 215 13.05 15.51 27.76
C THR A 215 14.06 16.63 27.53
N LEU A 216 13.66 17.82 27.97
CA LEU A 216 14.49 19.00 27.71
C LEU A 216 15.73 18.99 28.58
N SER A 217 15.58 18.53 29.81
CA SER A 217 16.77 18.49 30.67
C SER A 217 17.77 17.48 30.15
N TYR A 218 17.28 16.34 29.68
CA TYR A 218 18.13 15.32 29.05
C TYR A 218 18.87 15.84 27.85
N LEU A 219 18.21 16.66 27.01
CA LEU A 219 18.89 17.11 25.83
C LEU A 219 19.69 18.39 26.05
N LEU A 220 19.26 19.24 26.97
CA LEU A 220 19.84 20.58 27.09
C LEU A 220 20.62 20.76 28.41
N GLY A 221 20.57 19.78 29.27
CA GLY A 221 21.09 19.83 30.63
C GLY A 221 22.54 20.29 30.68
N ARG A 222 23.38 19.63 29.90
CA ARG A 222 24.81 19.93 29.87
C ARG A 222 25.08 21.26 29.18
N LYS A 223 24.34 21.62 28.14
CA LYS A 223 24.53 22.89 27.44
C LYS A 223 23.44 23.12 26.40
N LYS A 224 23.14 24.39 26.15
CA LYS A 224 22.06 24.60 25.18
C LYS A 224 22.58 24.16 23.83
N ARG A 225 21.67 23.67 22.97
CA ARG A 225 22.04 23.34 21.59
C ARG A 225 20.79 23.32 20.74
N PRO A 226 20.89 23.40 19.43
CA PRO A 226 19.71 23.48 18.57
C PRO A 226 18.85 22.23 18.70
N ILE A 227 17.53 22.46 18.67
CA ILE A 227 16.59 21.33 18.70
C ILE A 227 15.97 21.06 17.34
N HIS A 228 15.93 19.79 16.95
CA HIS A 228 15.19 19.35 15.78
C HIS A 228 13.96 18.56 16.26
N LEU A 229 12.79 19.09 15.92
CA LEU A 229 11.55 18.39 16.29
C LEU A 229 11.03 17.62 15.06
N SER A 230 11.01 16.30 15.12
CA SER A 230 10.46 15.53 14.00
C SER A 230 9.10 15.00 14.46
N PHE A 231 8.04 15.64 13.96
CA PHE A 231 6.71 15.37 14.48
C PHE A 231 5.94 14.57 13.43
N ASP A 232 5.64 13.32 13.77
CA ASP A 232 4.79 12.44 12.95
C ASP A 232 3.39 12.61 13.52
N VAL A 233 2.45 13.03 12.66
CA VAL A 233 1.10 13.23 13.20
C VAL A 233 0.53 11.95 13.75
N ASP A 234 1.03 10.78 13.41
CA ASP A 234 0.47 9.56 14.00
C ASP A 234 0.89 9.39 15.47
N GLY A 235 1.71 10.30 15.96
CA GLY A 235 2.00 10.30 17.40
C GLY A 235 0.78 10.71 18.19
N LEU A 236 -0.06 11.58 17.60
CA LEU A 236 -1.32 11.95 18.23
C LEU A 236 -2.36 10.86 18.00
N ASP A 237 -3.34 10.80 18.91
CA ASP A 237 -4.42 9.81 18.77
C ASP A 237 -5.15 10.01 17.46
N PRO A 238 -5.59 8.90 16.90
CA PRO A 238 -6.40 9.00 15.67
C PRO A 238 -7.69 9.80 15.86
N SER A 239 -8.12 10.10 17.06
CA SER A 239 -9.33 10.93 17.21
C SER A 239 -8.99 12.36 16.86
N PHE A 240 -7.70 12.73 16.80
CA PHE A 240 -7.26 14.03 16.35
C PHE A 240 -6.62 14.07 14.98
N THR A 241 -5.85 13.04 14.62
CA THR A 241 -5.14 12.97 13.33
C THR A 241 -5.42 11.67 12.59
N PRO A 242 -6.72 11.42 12.23
CA PRO A 242 -7.02 10.16 11.57
C PRO A 242 -6.46 9.98 10.18
N ALA A 243 -6.26 11.09 9.45
CA ALA A 243 -5.83 10.95 8.06
C ALA A 243 -4.31 10.77 8.00
N THR A 244 -3.95 9.53 8.30
CA THR A 244 -2.51 9.16 8.35
C THR A 244 -2.44 7.67 8.06
N GLY A 245 -1.28 7.20 7.56
CA GLY A 245 -1.23 5.84 7.07
C GLY A 245 -1.39 4.76 8.10
N THR A 246 -0.85 5.00 9.30
CA THR A 246 -0.75 3.92 10.27
C THR A 246 -1.20 4.42 11.64
N PRO A 247 -2.49 4.71 11.79
CA PRO A 247 -2.97 5.19 13.07
C PRO A 247 -2.89 4.10 14.13
N VAL A 248 -2.60 4.49 15.37
CA VAL A 248 -2.55 3.57 16.51
C VAL A 248 -3.28 4.15 17.70
N VAL A 249 -4.19 3.36 18.25
CA VAL A 249 -5.09 3.93 19.25
C VAL A 249 -4.29 4.29 20.50
N GLY A 250 -4.84 5.11 21.36
CA GLY A 250 -4.18 5.36 22.64
C GLY A 250 -3.07 6.38 22.49
N GLY A 251 -3.23 7.33 21.60
CA GLY A 251 -2.15 8.30 21.42
C GLY A 251 -2.17 9.53 22.30
N LEU A 252 -1.22 10.41 21.96
CA LEU A 252 -1.14 11.69 22.65
C LEU A 252 -2.37 12.50 22.28
N THR A 253 -2.88 13.26 23.25
CA THR A 253 -4.05 14.04 22.99
C THR A 253 -3.68 15.32 22.27
N TYR A 254 -4.70 16.05 21.80
CA TYR A 254 -4.45 17.34 21.15
C TYR A 254 -3.71 18.29 22.10
N ARG A 255 -4.25 18.34 23.35
CA ARG A 255 -3.61 19.09 24.42
C ARG A 255 -2.16 18.70 24.63
N GLU A 256 -1.89 17.40 24.72
CA GLU A 256 -0.49 16.96 24.91
C GLU A 256 0.35 17.38 23.73
N GLY A 257 -0.15 17.32 22.50
CA GLY A 257 0.70 17.74 21.38
C GLY A 257 0.98 19.22 21.41
N LEU A 258 0.02 20.06 21.80
CA LEU A 258 0.27 21.48 21.93
C LEU A 258 1.21 21.75 23.11
N TYR A 259 1.08 20.91 24.13
CA TYR A 259 1.95 21.13 25.31
C TYR A 259 3.39 20.91 24.90
N ILE A 260 3.67 19.77 24.23
CA ILE A 260 5.02 19.44 23.77
C ILE A 260 5.61 20.60 22.99
N THR A 261 4.85 21.13 22.02
CA THR A 261 5.35 22.14 21.10
C THR A 261 5.43 23.49 21.77
N GLU A 262 4.56 23.80 22.69
CA GLU A 262 4.62 25.08 23.42
C GLU A 262 5.89 25.09 24.27
N GLU A 263 6.17 23.96 24.87
CA GLU A 263 7.41 23.91 25.70
C GLU A 263 8.63 23.98 24.82
N ILE A 264 8.62 23.35 23.65
CA ILE A 264 9.81 23.47 22.79
C ILE A 264 9.95 24.90 22.32
N TYR A 265 8.86 25.57 21.99
CA TYR A 265 8.95 26.96 21.56
C TYR A 265 9.65 27.80 22.63
N LYS A 266 9.18 27.58 23.88
CA LYS A 266 9.69 28.36 25.00
C LYS A 266 11.18 28.18 25.25
N THR A 267 11.81 27.11 24.80
CA THR A 267 13.26 26.99 24.94
C THR A 267 14.00 28.05 24.11
N GLY A 268 13.44 28.61 23.08
CA GLY A 268 14.11 29.46 22.12
C GLY A 268 15.13 28.70 21.27
N LEU A 269 15.15 27.37 21.34
CA LEU A 269 16.17 26.60 20.65
C LEU A 269 15.63 25.80 19.47
N LEU A 270 14.35 25.89 19.13
CA LEU A 270 13.90 25.17 17.94
C LEU A 270 14.67 25.66 16.72
N SER A 271 15.20 24.62 16.00
CA SER A 271 16.12 24.95 14.90
C SER A 271 15.63 24.30 13.60
N GLY A 272 14.89 23.21 13.74
CA GLY A 272 14.31 22.60 12.55
C GLY A 272 13.10 21.76 12.99
N LEU A 273 12.17 21.66 12.06
CA LEU A 273 10.88 21.03 12.38
C LEU A 273 10.41 20.21 11.17
N ASP A 274 9.86 19.06 11.43
CA ASP A 274 9.25 18.22 10.41
C ASP A 274 7.80 18.00 10.83
N ILE A 275 6.91 18.16 9.86
CA ILE A 275 5.49 17.88 10.16
C ILE A 275 5.10 16.79 9.16
N MET A 276 5.04 15.55 9.62
CA MET A 276 5.04 14.46 8.65
C MET A 276 3.83 13.56 8.73
N GLU A 277 3.60 12.86 7.62
CA GLU A 277 2.71 11.71 7.56
C GLU A 277 1.24 12.17 7.48
N VAL A 278 0.98 13.42 7.13
CA VAL A 278 -0.40 13.81 6.84
C VAL A 278 -0.87 13.20 5.52
N ASN A 279 -1.92 12.39 5.56
CA ASN A 279 -2.34 11.78 4.28
C ASN A 279 -3.84 12.00 4.09
N PRO A 280 -4.11 13.06 3.31
CA PRO A 280 -5.50 13.45 3.18
C PRO A 280 -6.35 12.39 2.50
N SER A 281 -5.76 11.62 1.59
CA SER A 281 -6.54 10.55 0.95
C SER A 281 -7.12 9.54 1.91
N LEU A 282 -6.58 9.47 3.14
CA LEU A 282 -6.93 8.40 4.07
C LEU A 282 -7.94 8.85 5.09
N GLY A 283 -8.42 10.10 4.96
CA GLY A 283 -9.52 10.42 5.88
C GLY A 283 -10.80 9.74 5.40
N LYS A 284 -11.59 9.16 6.28
CA LYS A 284 -12.81 8.43 5.96
C LYS A 284 -13.96 9.29 5.43
N THR A 285 -13.86 10.58 5.66
CA THR A 285 -14.74 11.68 5.36
C THR A 285 -14.00 12.98 5.19
N PRO A 286 -14.56 13.99 4.54
CA PRO A 286 -13.91 15.27 4.40
C PRO A 286 -13.51 15.87 5.75
N GLU A 287 -14.36 15.67 6.74
CA GLU A 287 -14.12 16.19 8.08
C GLU A 287 -12.92 15.47 8.70
N GLU A 288 -12.68 14.20 8.46
CA GLU A 288 -11.44 13.63 9.02
C GLU A 288 -10.22 14.31 8.45
N VAL A 289 -10.31 14.71 7.18
CA VAL A 289 -9.17 15.39 6.59
C VAL A 289 -8.95 16.74 7.24
N THR A 290 -9.99 17.58 7.32
CA THR A 290 -9.83 18.90 7.89
C THR A 290 -9.42 18.79 9.35
N ARG A 291 -9.90 17.77 10.06
CA ARG A 291 -9.57 17.59 11.45
C ARG A 291 -8.06 17.38 11.57
N THR A 292 -7.57 16.53 10.67
CA THR A 292 -6.15 16.17 10.74
C THR A 292 -5.26 17.35 10.38
N VAL A 293 -5.58 18.01 9.27
CA VAL A 293 -4.86 19.17 8.77
C VAL A 293 -4.93 20.28 9.80
N ASN A 294 -6.13 20.54 10.35
CA ASN A 294 -6.24 21.58 11.36
C ASN A 294 -5.33 21.29 12.55
N THR A 295 -5.32 20.02 12.97
CA THR A 295 -4.47 19.71 14.13
C THR A 295 -3.00 19.95 13.83
N ALA A 296 -2.55 19.51 12.66
CA ALA A 296 -1.18 19.72 12.22
C ALA A 296 -0.78 21.18 12.14
N VAL A 297 -1.74 21.99 11.66
CA VAL A 297 -1.46 23.43 11.61
C VAL A 297 -1.32 23.96 13.03
N ALA A 298 -2.18 23.59 13.96
CA ALA A 298 -2.12 24.06 15.33
C ALA A 298 -0.81 23.66 16.00
N ILE A 299 -0.41 22.40 15.74
CA ILE A 299 0.89 21.96 16.27
C ILE A 299 2.00 22.84 15.74
N THR A 300 1.89 23.12 14.43
CA THR A 300 2.94 23.93 13.83
C THR A 300 2.96 25.34 14.39
N LEU A 301 1.79 25.97 14.52
CA LEU A 301 1.78 27.34 15.04
C LEU A 301 2.32 27.39 16.48
N ALA A 302 2.02 26.37 17.30
CA ALA A 302 2.60 26.37 18.65
C ALA A 302 4.14 26.35 18.63
N CYS A 303 4.73 25.69 17.66
CA CYS A 303 6.19 25.62 17.55
C CYS A 303 6.78 27.02 17.38
N PHE A 304 5.98 27.93 16.87
CA PHE A 304 6.51 29.26 16.52
C PHE A 304 5.86 30.31 17.42
N GLY A 305 5.31 29.88 18.56
CA GLY A 305 4.97 30.84 19.57
C GLY A 305 3.52 31.01 19.93
N LEU A 306 2.61 30.43 19.15
CA LEU A 306 1.19 30.60 19.51
C LEU A 306 0.89 29.92 20.81
N ALA A 307 0.43 30.63 21.83
CA ALA A 307 0.27 30.11 23.18
C ALA A 307 -1.20 30.06 23.59
N ARG A 308 -1.64 28.98 24.19
CA ARG A 308 -3.05 28.90 24.58
C ARG A 308 -3.41 29.98 25.59
N GLU A 309 -2.48 30.40 26.45
CA GLU A 309 -2.79 31.46 27.39
C GLU A 309 -2.99 32.82 26.71
N GLY A 310 -2.59 32.91 25.43
CA GLY A 310 -2.64 34.15 24.71
C GLY A 310 -1.25 34.72 24.42
N ASN A 311 -1.26 35.73 23.55
CA ASN A 311 -0.04 36.40 23.11
C ASN A 311 -0.30 37.91 22.96
N HIS A 312 0.67 38.76 23.32
CA HIS A 312 0.50 40.15 22.87
C HIS A 312 1.81 40.77 22.41
N LYS A 313 1.64 41.87 21.66
CA LYS A 313 2.85 42.57 21.19
C LYS A 313 3.34 43.48 22.31
N PRO A 314 4.59 43.90 22.25
CA PRO A 314 5.12 44.73 23.35
C PRO A 314 4.68 46.18 23.21
N ILE A 315 3.38 46.41 23.16
CA ILE A 315 2.76 47.74 23.17
C ILE A 315 1.85 47.84 24.38
N ASP A 316 1.34 48.99 24.76
CA ASP A 316 0.36 49.12 25.84
C ASP A 316 -1.07 49.04 25.30
N TYR A 317 -1.77 47.96 25.56
CA TYR A 317 -3.05 47.76 24.89
C TYR A 317 -4.15 48.56 25.54
N LEU A 318 -3.90 49.11 26.74
CA LEU A 318 -4.96 49.89 27.36
C LEU A 318 -4.95 51.34 26.86
N ASN A 319 -4.20 51.54 25.69
CA ASN A 319 -3.64 52.36 24.64
C ASN A 319 -2.68 53.42 25.18
N SER B 5 1.25 -34.75 -5.93
CA SER B 5 -0.10 -35.19 -6.28
C SER B 5 -1.09 -34.06 -6.04
N ARG B 6 -0.67 -32.87 -6.47
CA ARG B 6 -1.56 -31.72 -6.53
C ARG B 6 -2.92 -32.13 -7.09
N THR B 7 -3.86 -32.29 -6.16
CA THR B 7 -5.24 -32.60 -6.40
C THR B 7 -6.00 -31.33 -6.79
N ILE B 8 -6.94 -31.55 -7.71
CA ILE B 8 -7.69 -30.45 -8.30
C ILE B 8 -9.20 -30.64 -8.19
N GLY B 9 -9.93 -29.56 -7.94
CA GLY B 9 -11.39 -29.65 -7.97
C GLY B 9 -11.94 -28.66 -8.99
N ILE B 10 -12.45 -29.14 -10.11
CA ILE B 10 -13.03 -28.32 -11.16
C ILE B 10 -14.43 -27.79 -10.83
N ILE B 11 -14.59 -26.47 -11.02
CA ILE B 11 -15.95 -25.93 -10.81
C ILE B 11 -16.30 -25.13 -12.05
N GLY B 12 -17.43 -25.50 -12.66
CA GLY B 12 -17.93 -24.79 -13.84
C GLY B 12 -18.80 -23.65 -13.36
N ALA B 13 -18.58 -22.44 -13.87
CA ALA B 13 -19.41 -21.32 -13.38
C ALA B 13 -19.93 -20.56 -14.59
N PRO B 14 -20.94 -21.16 -15.25
CA PRO B 14 -21.50 -20.56 -16.44
C PRO B 14 -22.35 -19.33 -16.14
N PHE B 15 -21.71 -18.17 -16.05
CA PHE B 15 -22.41 -16.95 -15.66
C PHE B 15 -21.92 -15.74 -16.43
N SER B 16 -22.83 -14.88 -16.91
CA SER B 16 -22.45 -13.75 -17.70
C SER B 16 -23.02 -12.43 -17.21
N LYS B 17 -23.83 -12.46 -16.16
CA LYS B 17 -24.61 -11.27 -15.79
C LYS B 17 -23.78 -10.19 -15.15
N GLY B 18 -22.50 -10.46 -14.89
CA GLY B 18 -21.65 -9.36 -14.46
C GLY B 18 -21.27 -8.39 -15.52
N GLN B 19 -21.69 -8.66 -16.78
CA GLN B 19 -21.40 -7.81 -17.94
C GLN B 19 -22.46 -7.99 -19.02
N PRO B 20 -22.48 -7.19 -20.06
CA PRO B 20 -23.60 -7.29 -21.02
C PRO B 20 -23.59 -8.43 -22.04
N ARG B 21 -22.44 -8.97 -22.42
CA ARG B 21 -22.40 -9.98 -23.50
C ARG B 21 -22.65 -11.37 -23.01
N GLY B 22 -23.74 -11.96 -23.51
CA GLY B 22 -24.08 -13.29 -23.15
C GLY B 22 -23.14 -14.44 -23.43
N GLY B 23 -22.25 -14.51 -24.39
CA GLY B 23 -21.63 -15.84 -24.50
C GLY B 23 -20.66 -16.36 -23.49
N VAL B 24 -20.19 -15.55 -22.52
CA VAL B 24 -19.19 -15.99 -21.53
C VAL B 24 -19.72 -17.13 -20.69
N GLU B 25 -21.05 -17.29 -20.67
CA GLU B 25 -21.62 -18.46 -20.02
C GLU B 25 -21.17 -19.74 -20.71
N GLU B 26 -20.68 -19.70 -21.96
CA GLU B 26 -20.26 -20.92 -22.64
C GLU B 26 -18.84 -21.36 -22.28
N GLY B 27 -18.13 -20.51 -21.55
CA GLY B 27 -16.74 -20.83 -21.22
C GLY B 27 -16.53 -22.16 -20.56
N PRO B 28 -17.25 -22.59 -19.53
CA PRO B 28 -17.04 -23.93 -18.95
C PRO B 28 -17.17 -25.04 -19.98
N THR B 29 -18.18 -24.86 -20.82
CA THR B 29 -18.44 -25.86 -21.85
C THR B 29 -17.31 -25.97 -22.84
N VAL B 30 -16.86 -24.82 -23.32
CA VAL B 30 -15.85 -24.87 -24.39
C VAL B 30 -14.53 -25.33 -23.81
N LEU B 31 -14.18 -24.88 -22.61
CA LEU B 31 -12.93 -25.41 -22.04
C LEU B 31 -12.93 -26.91 -21.83
N ARG B 32 -14.01 -27.46 -21.29
CA ARG B 32 -14.12 -28.91 -21.10
C ARG B 32 -14.10 -29.61 -22.44
N LYS B 33 -14.80 -29.03 -23.43
CA LYS B 33 -14.77 -29.73 -24.73
C LYS B 33 -13.39 -29.76 -25.36
N ALA B 34 -12.48 -28.91 -24.89
CA ALA B 34 -11.17 -28.93 -25.57
C ALA B 34 -10.27 -29.96 -24.89
N GLY B 35 -10.88 -30.70 -24.00
CA GLY B 35 -10.23 -31.79 -23.30
C GLY B 35 -9.45 -31.37 -22.09
N LEU B 36 -9.88 -30.28 -21.42
CA LEU B 36 -9.08 -29.83 -20.27
C LEU B 36 -8.91 -30.89 -19.22
N LEU B 37 -9.96 -31.66 -18.90
CA LEU B 37 -9.83 -32.51 -17.72
C LEU B 37 -8.90 -33.67 -18.01
N GLU B 38 -9.07 -34.19 -19.23
CA GLU B 38 -8.19 -35.33 -19.55
C GLU B 38 -6.74 -34.85 -19.62
N LYS B 39 -6.52 -33.65 -20.14
CA LYS B 39 -5.15 -33.13 -20.27
C LYS B 39 -4.56 -32.94 -18.87
N LEU B 40 -5.38 -32.57 -17.88
CA LEU B 40 -4.89 -32.44 -16.52
C LEU B 40 -4.52 -33.80 -15.94
N LYS B 41 -5.33 -34.81 -16.26
CA LYS B 41 -5.06 -36.18 -15.84
C LYS B 41 -3.84 -36.73 -16.55
N GLU B 42 -3.60 -36.27 -17.78
CA GLU B 42 -2.40 -36.71 -18.49
C GLU B 42 -1.17 -36.25 -17.71
N GLN B 43 -1.30 -35.18 -16.91
CA GLN B 43 -0.15 -34.70 -16.17
C GLN B 43 -0.16 -35.25 -14.75
N GLU B 44 0.42 -34.46 -13.85
CA GLU B 44 0.45 -34.80 -12.44
C GLU B 44 -0.86 -34.48 -11.76
N CYS B 45 -2.01 -34.99 -12.22
CA CYS B 45 -3.21 -34.44 -11.58
C CYS B 45 -4.28 -35.45 -11.21
N ASP B 46 -4.62 -35.46 -9.94
CA ASP B 46 -5.80 -36.11 -9.38
C ASP B 46 -6.94 -35.09 -9.52
N VAL B 47 -7.81 -35.31 -10.48
CA VAL B 47 -8.82 -34.34 -10.88
C VAL B 47 -10.27 -34.67 -10.56
N LYS B 48 -10.93 -33.96 -9.66
CA LYS B 48 -12.38 -34.19 -9.57
C LYS B 48 -13.14 -33.06 -10.27
N ASP B 49 -14.14 -33.44 -11.08
CA ASP B 49 -15.05 -32.43 -11.63
C ASP B 49 -16.21 -32.28 -10.66
N TYR B 50 -16.40 -31.09 -10.11
CA TYR B 50 -17.59 -30.85 -9.30
C TYR B 50 -18.77 -30.35 -10.12
N GLY B 51 -18.77 -30.50 -11.44
CA GLY B 51 -19.86 -30.09 -12.30
C GLY B 51 -19.96 -28.59 -12.48
N ASP B 52 -21.00 -28.14 -13.17
CA ASP B 52 -21.24 -26.70 -13.32
C ASP B 52 -22.32 -26.23 -12.34
N LEU B 53 -22.09 -25.19 -11.56
CA LEU B 53 -23.09 -24.59 -10.71
C LEU B 53 -24.33 -24.19 -11.50
N PRO B 54 -25.50 -24.52 -10.94
CA PRO B 54 -26.79 -24.10 -11.47
C PRO B 54 -27.18 -22.73 -10.94
N PHE B 55 -27.06 -21.71 -11.78
CA PHE B 55 -27.40 -20.34 -11.40
C PHE B 55 -28.83 -20.02 -11.85
N ALA B 56 -29.80 -20.06 -10.96
CA ALA B 56 -31.20 -19.80 -11.35
C ALA B 56 -31.45 -18.38 -11.81
N ASP B 57 -32.48 -18.22 -12.64
CA ASP B 57 -32.80 -16.85 -13.03
C ASP B 57 -33.29 -16.05 -11.82
N ILE B 58 -33.21 -14.74 -11.97
CA ILE B 58 -33.75 -13.69 -11.13
C ILE B 58 -34.46 -12.67 -12.00
N PRO B 59 -35.77 -12.85 -12.13
CA PRO B 59 -36.55 -11.96 -12.99
C PRO B 59 -36.50 -10.55 -12.42
N ASN B 60 -36.84 -10.51 -11.13
CA ASN B 60 -36.95 -9.22 -10.48
C ASN B 60 -35.57 -8.77 -10.03
N ASP B 61 -34.64 -8.59 -10.97
CA ASP B 61 -33.31 -8.16 -10.51
C ASP B 61 -33.03 -6.72 -10.87
N SER B 62 -33.77 -5.81 -10.22
CA SER B 62 -33.62 -4.40 -10.53
C SER B 62 -32.26 -3.83 -10.11
N PRO B 63 -31.79 -2.90 -10.91
CA PRO B 63 -30.50 -2.26 -10.69
C PRO B 63 -30.50 -1.60 -9.32
N PHE B 64 -29.33 -1.67 -8.69
CA PHE B 64 -28.98 -0.90 -7.50
C PHE B 64 -28.31 0.36 -8.03
N GLN B 65 -29.00 1.49 -7.99
CA GLN B 65 -28.40 2.69 -8.62
C GLN B 65 -28.03 2.40 -10.06
N ILE B 66 -26.74 2.53 -10.42
CA ILE B 66 -26.46 2.23 -11.84
C ILE B 66 -25.97 0.79 -12.01
N VAL B 67 -25.66 0.10 -10.93
CA VAL B 67 -25.12 -1.25 -10.91
C VAL B 67 -26.13 -2.29 -11.38
N LYS B 68 -25.81 -2.97 -12.49
CA LYS B 68 -26.84 -3.86 -13.05
C LYS B 68 -26.73 -5.30 -12.58
N ASN B 69 -27.88 -5.96 -12.58
CA ASN B 69 -28.10 -7.33 -12.19
C ASN B 69 -27.49 -7.68 -10.84
N PRO B 70 -27.72 -6.86 -9.83
CA PRO B 70 -26.93 -7.10 -8.60
C PRO B 70 -27.26 -8.39 -7.88
N ARG B 71 -28.55 -8.77 -7.84
CA ARG B 71 -28.94 -9.96 -7.10
C ARG B 71 -28.41 -11.21 -7.79
N SER B 72 -28.38 -11.11 -9.12
CA SER B 72 -27.95 -12.33 -9.78
C SER B 72 -26.43 -12.53 -9.54
N VAL B 73 -25.75 -11.41 -9.67
CA VAL B 73 -24.27 -11.48 -9.51
C VAL B 73 -23.93 -11.87 -8.08
N GLY B 74 -24.62 -11.24 -7.13
CA GLY B 74 -24.40 -11.59 -5.73
C GLY B 74 -24.70 -13.02 -5.39
N LYS B 75 -25.79 -13.59 -5.97
CA LYS B 75 -26.08 -14.98 -5.63
C LYS B 75 -25.15 -15.98 -6.32
N ALA B 76 -24.81 -15.65 -7.55
CA ALA B 76 -23.90 -16.55 -8.29
C ALA B 76 -22.59 -16.61 -7.51
N SER B 77 -22.14 -15.50 -6.98
CA SER B 77 -20.86 -15.54 -6.22
C SER B 77 -21.05 -16.20 -4.88
N GLU B 78 -22.21 -15.92 -4.27
CA GLU B 78 -22.50 -16.60 -3.01
C GLU B 78 -22.43 -18.13 -3.15
N GLN B 79 -23.06 -18.65 -4.18
CA GLN B 79 -23.10 -20.06 -4.54
C GLN B 79 -21.72 -20.65 -4.85
N LEU B 80 -20.97 -19.91 -5.65
CA LEU B 80 -19.60 -20.29 -6.01
C LEU B 80 -18.73 -20.27 -4.77
N ALA B 81 -18.90 -19.30 -3.87
CA ALA B 81 -18.12 -19.34 -2.64
C ALA B 81 -18.35 -20.61 -1.85
N GLY B 82 -19.61 -21.08 -1.74
CA GLY B 82 -19.80 -22.29 -0.95
C GLY B 82 -19.08 -23.47 -1.58
N LYS B 83 -19.14 -23.54 -2.91
CA LYS B 83 -18.57 -24.64 -3.67
C LYS B 83 -17.04 -24.62 -3.61
N VAL B 84 -16.47 -23.40 -3.64
CA VAL B 84 -15.01 -23.34 -3.49
C VAL B 84 -14.56 -23.75 -2.09
N ALA B 85 -15.33 -23.30 -1.09
CA ALA B 85 -14.91 -23.68 0.27
C ALA B 85 -15.03 -25.19 0.41
N GLU B 86 -16.00 -25.81 -0.25
CA GLU B 86 -16.18 -27.25 -0.23
C GLU B 86 -14.94 -27.93 -0.81
N VAL B 87 -14.61 -27.48 -2.03
CA VAL B 87 -13.44 -28.00 -2.72
C VAL B 87 -12.21 -27.81 -1.84
N LYS B 88 -12.04 -26.62 -1.26
CA LYS B 88 -10.83 -26.37 -0.45
C LYS B 88 -10.83 -27.33 0.73
N LYS B 89 -11.99 -27.54 1.35
CA LYS B 89 -12.08 -28.49 2.46
C LYS B 89 -11.71 -29.91 2.07
N ASN B 90 -11.98 -30.37 0.86
CA ASN B 90 -11.59 -31.67 0.34
C ASN B 90 -10.12 -31.76 -0.03
N GLY B 91 -9.29 -30.78 0.30
CA GLY B 91 -7.85 -30.84 0.04
C GLY B 91 -7.43 -30.63 -1.39
N ARG B 92 -8.27 -29.91 -2.13
CA ARG B 92 -8.04 -29.74 -3.56
C ARG B 92 -7.78 -28.29 -3.93
N ILE B 93 -7.06 -28.12 -5.03
CA ILE B 93 -6.96 -26.78 -5.61
C ILE B 93 -8.23 -26.48 -6.40
N SER B 94 -8.91 -25.38 -6.09
CA SER B 94 -10.15 -25.06 -6.80
C SER B 94 -9.79 -24.45 -8.15
N LEU B 95 -10.37 -25.02 -9.19
CA LEU B 95 -10.23 -24.50 -10.54
C LEU B 95 -11.56 -23.95 -11.04
N VAL B 96 -11.78 -22.66 -11.04
CA VAL B 96 -13.09 -22.11 -11.49
C VAL B 96 -13.02 -21.73 -12.94
N LEU B 97 -13.94 -22.31 -13.73
CA LEU B 97 -14.03 -21.91 -15.12
C LEU B 97 -15.18 -20.94 -15.32
N GLY B 98 -14.90 -19.69 -15.68
CA GLY B 98 -15.91 -18.67 -15.89
C GLY B 98 -16.40 -18.73 -17.33
N GLY B 99 -17.41 -17.92 -17.64
CA GLY B 99 -18.01 -17.03 -16.63
C GLY B 99 -17.26 -15.70 -16.56
N ASP B 100 -17.98 -14.62 -16.20
CA ASP B 100 -17.31 -13.33 -16.19
C ASP B 100 -16.61 -13.09 -14.86
N HIS B 101 -15.76 -12.06 -14.86
CA HIS B 101 -14.92 -11.94 -13.66
C HIS B 101 -15.67 -11.47 -12.43
N SER B 102 -16.95 -11.10 -12.44
CA SER B 102 -17.54 -10.83 -11.11
C SER B 102 -17.50 -12.01 -10.17
N LEU B 103 -17.46 -13.22 -10.75
CA LEU B 103 -17.38 -14.45 -9.99
C LEU B 103 -16.18 -14.51 -9.05
N ALA B 104 -15.17 -13.66 -9.32
CA ALA B 104 -14.03 -13.65 -8.39
C ALA B 104 -14.48 -13.27 -6.99
N ILE B 105 -15.56 -12.51 -6.86
CA ILE B 105 -16.07 -12.29 -5.49
C ILE B 105 -16.30 -13.61 -4.77
N GLY B 106 -17.08 -14.55 -5.31
CA GLY B 106 -17.25 -15.86 -4.72
C GLY B 106 -16.03 -16.74 -4.68
N SER B 107 -15.25 -16.77 -5.78
CA SER B 107 -14.06 -17.60 -5.82
C SER B 107 -13.11 -17.27 -4.67
N ILE B 108 -12.72 -16.01 -4.58
CA ILE B 108 -11.77 -15.62 -3.53
C ILE B 108 -12.44 -15.73 -2.18
N SER B 109 -13.73 -15.35 -2.08
CA SER B 109 -14.30 -15.37 -0.72
C SER B 109 -14.34 -16.76 -0.15
N GLY B 110 -14.79 -17.72 -0.98
CA GLY B 110 -14.92 -19.10 -0.56
C GLY B 110 -13.54 -19.67 -0.22
N HIS B 111 -12.54 -19.34 -1.04
CA HIS B 111 -11.18 -19.70 -0.73
C HIS B 111 -10.74 -19.10 0.59
N ALA B 112 -11.02 -17.82 0.86
CA ALA B 112 -10.45 -17.25 2.08
C ALA B 112 -11.11 -17.87 3.34
N ARG B 113 -12.27 -18.45 3.16
CA ARG B 113 -12.94 -19.22 4.21
C ARG B 113 -12.10 -20.36 4.73
N VAL B 114 -11.48 -21.14 3.85
CA VAL B 114 -10.60 -22.21 4.28
C VAL B 114 -9.19 -21.67 4.51
N HIS B 115 -8.81 -20.60 3.83
CA HIS B 115 -7.44 -20.09 3.84
C HIS B 115 -7.40 -18.58 3.94
N PRO B 116 -7.67 -18.02 5.11
CA PRO B 116 -7.77 -16.56 5.21
C PRO B 116 -6.44 -15.85 4.98
N ASP B 117 -5.34 -16.63 4.99
CA ASP B 117 -4.05 -15.97 4.76
C ASP B 117 -3.63 -15.95 3.29
N LEU B 118 -4.56 -16.17 2.37
CA LEU B 118 -4.18 -16.32 0.97
C LEU B 118 -3.72 -14.98 0.41
N GLY B 119 -2.87 -15.09 -0.62
CA GLY B 119 -2.46 -13.89 -1.36
C GLY B 119 -3.00 -13.98 -2.80
N VAL B 120 -3.27 -12.84 -3.42
CA VAL B 120 -3.96 -12.89 -4.72
C VAL B 120 -3.08 -12.31 -5.84
N ILE B 121 -2.96 -13.04 -6.93
CA ILE B 121 -2.36 -12.51 -8.16
C ILE B 121 -3.49 -12.40 -9.20
N TRP B 122 -3.62 -11.18 -9.70
CA TRP B 122 -4.74 -10.83 -10.57
C TRP B 122 -4.18 -10.45 -11.93
N VAL B 123 -4.40 -11.32 -12.90
CA VAL B 123 -3.82 -11.09 -14.24
C VAL B 123 -4.97 -10.61 -15.16
N ASP B 124 -4.78 -9.41 -15.66
CA ASP B 124 -5.97 -8.72 -16.26
C ASP B 124 -5.47 -7.44 -16.88
N ALA B 125 -6.13 -7.02 -17.98
CA ALA B 125 -5.87 -5.69 -18.46
C ALA B 125 -6.56 -4.63 -17.58
N HIS B 126 -7.52 -5.08 -16.78
CA HIS B 126 -8.32 -4.20 -15.92
C HIS B 126 -8.06 -4.44 -14.43
N THR B 127 -8.22 -3.39 -13.65
CA THR B 127 -8.13 -3.60 -12.18
C THR B 127 -9.36 -4.18 -11.54
N ASP B 128 -10.54 -3.98 -12.21
CA ASP B 128 -11.77 -4.56 -11.68
C ASP B 128 -12.03 -4.13 -10.22
N ILE B 129 -11.72 -2.88 -9.93
CA ILE B 129 -11.76 -2.44 -8.53
C ILE B 129 -12.65 -1.23 -8.38
N ASN B 130 -13.50 -0.99 -9.41
CA ASN B 130 -14.54 -0.01 -9.10
C ASN B 130 -15.42 -0.45 -7.94
N THR B 131 -15.90 0.58 -7.20
CA THR B 131 -16.91 0.31 -6.20
C THR B 131 -18.27 0.56 -6.86
N PRO B 132 -19.32 0.12 -6.20
CA PRO B 132 -20.66 0.46 -6.73
C PRO B 132 -20.89 1.95 -6.91
N LEU B 133 -20.13 2.83 -6.29
CA LEU B 133 -20.30 4.26 -6.48
C LEU B 133 -19.27 4.85 -7.42
N THR B 134 -18.19 4.14 -7.79
CA THR B 134 -17.26 4.76 -8.73
C THR B 134 -17.47 4.24 -10.16
N THR B 135 -18.13 3.10 -10.29
CA THR B 135 -18.37 2.54 -11.61
C THR B 135 -19.13 3.50 -12.53
N THR B 136 -18.68 3.60 -13.78
CA THR B 136 -19.39 4.40 -14.76
C THR B 136 -20.25 3.46 -15.60
N SER B 137 -19.89 2.17 -15.61
CA SER B 137 -20.64 1.29 -16.52
C SER B 137 -21.75 0.55 -15.81
N GLY B 138 -21.61 0.30 -14.51
CA GLY B 138 -22.56 -0.53 -13.82
C GLY B 138 -22.38 -2.02 -13.96
N ASN B 139 -21.31 -2.42 -14.67
CA ASN B 139 -21.10 -3.86 -14.81
C ASN B 139 -20.27 -4.38 -13.63
N LEU B 140 -20.83 -5.38 -12.97
CA LEU B 140 -20.16 -5.84 -11.77
C LEU B 140 -18.86 -6.57 -12.07
N HIS B 141 -18.56 -6.93 -13.32
CA HIS B 141 -17.27 -7.62 -13.53
C HIS B 141 -16.15 -6.60 -13.40
N GLY B 142 -16.46 -5.30 -13.35
CA GLY B 142 -15.49 -4.24 -13.17
C GLY B 142 -15.38 -3.84 -11.70
N GLN B 143 -16.06 -4.52 -10.83
CA GLN B 143 -16.05 -4.27 -9.39
C GLN B 143 -15.59 -5.37 -8.47
N PRO B 144 -15.19 -6.57 -8.83
CA PRO B 144 -15.10 -7.62 -7.81
C PRO B 144 -14.08 -7.28 -6.73
N VAL B 145 -12.97 -6.67 -7.13
CA VAL B 145 -11.92 -6.47 -6.08
C VAL B 145 -12.42 -5.51 -5.03
N SER B 146 -13.33 -4.58 -5.33
CA SER B 146 -13.70 -3.61 -4.28
C SER B 146 -14.53 -4.29 -3.20
N PHE B 147 -15.31 -5.33 -3.58
CA PHE B 147 -16.08 -6.08 -2.62
C PHE B 147 -15.19 -6.93 -1.71
N LEU B 148 -13.99 -7.26 -2.14
CA LEU B 148 -13.09 -8.14 -1.42
C LEU B 148 -12.14 -7.39 -0.48
N LEU B 149 -11.83 -6.12 -0.76
CA LEU B 149 -10.76 -5.46 0.01
C LEU B 149 -11.27 -4.89 1.34
N LYS B 150 -10.55 -5.24 2.39
CA LYS B 150 -10.92 -4.74 3.73
C LYS B 150 -10.93 -3.22 3.77
N GLU B 151 -9.95 -2.62 3.10
CA GLU B 151 -9.80 -1.18 3.21
C GLU B 151 -10.89 -0.39 2.52
N LEU B 152 -11.73 -1.07 1.74
CA LEU B 152 -12.76 -0.38 0.96
C LEU B 152 -14.12 -0.59 1.62
N LYS B 153 -14.12 -1.49 2.61
CA LYS B 153 -15.35 -1.68 3.37
C LYS B 153 -15.60 -0.31 4.03
N GLY B 154 -16.77 0.24 3.75
CA GLY B 154 -17.08 1.59 4.25
C GLY B 154 -17.31 2.47 3.02
N LYS B 155 -16.66 2.04 1.93
CA LYS B 155 -16.99 2.71 0.68
C LYS B 155 -17.92 1.80 -0.10
N ILE B 156 -18.23 0.61 0.41
CA ILE B 156 -19.17 -0.20 -0.39
C ILE B 156 -20.60 -0.08 0.12
N PRO B 157 -21.53 0.48 -0.64
CA PRO B 157 -22.90 0.60 -0.09
C PRO B 157 -23.56 -0.77 -0.08
N ASP B 158 -24.70 -0.85 0.60
CA ASP B 158 -25.36 -2.14 0.72
C ASP B 158 -26.05 -2.49 -0.58
N VAL B 159 -25.45 -3.38 -1.39
CA VAL B 159 -26.07 -3.73 -2.66
C VAL B 159 -26.86 -5.02 -2.53
N PRO B 160 -28.09 -5.04 -3.05
CA PRO B 160 -28.93 -6.25 -2.93
C PRO B 160 -28.22 -7.49 -3.45
N GLY B 161 -28.17 -8.59 -2.70
CA GLY B 161 -27.45 -9.73 -3.28
C GLY B 161 -26.08 -9.88 -2.66
N PHE B 162 -25.58 -8.83 -1.97
CA PHE B 162 -24.22 -9.02 -1.44
C PHE B 162 -24.12 -8.93 0.07
N SER B 163 -25.24 -9.08 0.79
CA SER B 163 -25.13 -8.95 2.24
C SER B 163 -24.23 -10.03 2.83
N TRP B 164 -24.02 -11.14 2.09
CA TRP B 164 -23.25 -12.24 2.62
C TRP B 164 -21.76 -11.96 2.57
N VAL B 165 -21.43 -10.86 1.89
CA VAL B 165 -19.99 -10.68 1.64
C VAL B 165 -19.27 -10.08 2.84
N THR B 166 -18.13 -10.66 3.18
CA THR B 166 -17.27 -9.92 4.11
C THR B 166 -15.89 -9.83 3.46
N PRO B 167 -15.44 -8.59 3.32
CA PRO B 167 -14.13 -8.34 2.68
C PRO B 167 -13.03 -9.14 3.36
N CYS B 168 -12.33 -9.94 2.57
CA CYS B 168 -11.46 -10.99 3.11
C CYS B 168 -10.01 -10.75 2.82
N ILE B 169 -9.66 -9.80 1.94
CA ILE B 169 -8.21 -9.64 1.80
C ILE B 169 -7.91 -8.16 1.92
N SER B 170 -6.70 -7.94 2.42
CA SER B 170 -6.16 -6.62 2.50
C SER B 170 -5.41 -6.20 1.24
N ALA B 171 -5.39 -4.87 1.10
CA ALA B 171 -4.72 -4.23 -0.02
C ALA B 171 -3.28 -4.72 -0.16
N LYS B 172 -2.67 -5.03 0.98
CA LYS B 172 -1.27 -5.43 0.96
C LYS B 172 -1.08 -6.82 0.37
N ASP B 173 -2.14 -7.58 0.05
CA ASP B 173 -2.03 -8.98 -0.27
C ASP B 173 -2.52 -9.39 -1.68
N ILE B 174 -2.50 -8.36 -2.51
CA ILE B 174 -2.84 -8.65 -3.93
C ILE B 174 -1.82 -8.00 -4.82
N VAL B 175 -1.51 -8.72 -5.93
CA VAL B 175 -0.65 -8.15 -6.95
C VAL B 175 -1.39 -8.22 -8.32
N TYR B 176 -1.46 -7.08 -8.99
CA TYR B 176 -1.97 -7.05 -10.36
C TYR B 176 -0.84 -7.25 -11.37
N ILE B 177 -1.08 -7.98 -12.45
CA ILE B 177 -0.16 -8.02 -13.59
C ILE B 177 -0.91 -7.87 -14.92
N GLY B 178 -0.46 -6.94 -15.74
CA GLY B 178 -1.03 -6.86 -17.09
C GLY B 178 -1.81 -5.60 -17.34
N LEU B 179 -2.00 -4.75 -16.33
CA LEU B 179 -2.91 -3.61 -16.44
C LEU B 179 -2.63 -2.69 -17.60
N ARG B 180 -3.69 -2.30 -18.33
CA ARG B 180 -3.54 -1.32 -19.36
C ARG B 180 -4.86 -0.60 -19.71
N ASP B 181 -5.93 -0.80 -18.98
CA ASP B 181 -7.18 -0.06 -19.16
C ASP B 181 -7.80 0.21 -17.77
N VAL B 182 -7.28 1.22 -17.08
CA VAL B 182 -7.70 1.47 -15.70
C VAL B 182 -8.49 2.77 -15.65
N ASP B 183 -9.68 2.80 -15.05
CA ASP B 183 -10.44 4.04 -14.95
C ASP B 183 -9.80 5.04 -13.99
N PRO B 184 -10.11 6.32 -14.07
CA PRO B 184 -9.50 7.31 -13.16
C PRO B 184 -9.79 6.98 -11.72
N GLY B 185 -11.03 6.64 -11.40
CA GLY B 185 -11.42 6.28 -10.06
C GLY B 185 -10.58 5.12 -9.53
N GLU B 186 -10.42 4.18 -10.46
CA GLU B 186 -9.70 2.96 -10.16
C GLU B 186 -8.24 3.26 -9.86
N HIS B 187 -7.71 4.20 -10.63
CA HIS B 187 -6.29 4.55 -10.48
C HIS B 187 -6.12 5.22 -9.13
N TYR B 188 -7.11 6.03 -8.74
CA TYR B 188 -7.02 6.72 -7.45
C TYR B 188 -7.02 5.70 -6.34
N ILE B 189 -7.87 4.69 -6.40
CA ILE B 189 -7.93 3.61 -5.43
C ILE B 189 -6.62 2.85 -5.42
N LEU B 190 -6.11 2.41 -6.55
CA LEU B 190 -4.85 1.70 -6.63
C LEU B 190 -3.71 2.38 -5.86
N LYS B 191 -3.58 3.65 -6.20
CA LYS B 191 -2.48 4.46 -5.68
C LYS B 191 -2.69 4.78 -4.20
N THR B 192 -3.94 5.17 -3.87
CA THR B 192 -4.23 5.55 -2.49
C THR B 192 -4.05 4.39 -1.56
N LEU B 193 -4.53 3.19 -1.94
CA LEU B 193 -4.40 2.04 -1.03
C LEU B 193 -3.01 1.42 -1.08
N GLY B 194 -2.22 1.80 -2.07
CA GLY B 194 -0.87 1.26 -2.19
C GLY B 194 -0.85 -0.17 -2.64
N ILE B 195 -1.81 -0.54 -3.51
CA ILE B 195 -1.80 -1.89 -4.03
C ILE B 195 -0.69 -2.09 -5.07
N LYS B 196 0.04 -3.17 -4.91
CA LYS B 196 1.14 -3.55 -5.75
C LYS B 196 0.65 -3.93 -7.16
N TYR B 197 1.26 -3.32 -8.18
CA TYR B 197 0.85 -3.66 -9.54
C TYR B 197 2.05 -3.59 -10.47
N PHE B 198 1.91 -4.43 -11.47
CA PHE B 198 2.78 -4.41 -12.63
C PHE B 198 1.84 -4.19 -13.86
N SER B 199 1.68 -2.94 -14.20
CA SER B 199 0.97 -2.63 -15.46
C SER B 199 1.87 -3.07 -16.60
N MET B 200 1.33 -3.01 -17.85
CA MET B 200 2.21 -3.30 -18.95
C MET B 200 3.47 -2.45 -19.02
N THR B 201 3.39 -1.20 -18.57
CA THR B 201 4.58 -0.35 -18.43
C THR B 201 5.64 -1.04 -17.59
N GLU B 202 5.23 -1.58 -16.44
CA GLU B 202 6.27 -2.24 -15.61
C GLU B 202 6.75 -3.54 -16.23
N VAL B 203 5.84 -4.25 -16.88
CA VAL B 203 6.25 -5.47 -17.57
C VAL B 203 7.24 -5.15 -18.69
N ASP B 204 7.00 -4.08 -19.45
CA ASP B 204 7.96 -3.62 -20.44
C ASP B 204 9.31 -3.23 -19.81
N ARG B 205 9.21 -2.52 -18.69
CA ARG B 205 10.41 -2.03 -18.03
C ARG B 205 11.27 -3.15 -17.51
N LEU B 206 10.60 -4.06 -16.75
CA LEU B 206 11.33 -5.09 -16.04
C LEU B 206 11.58 -6.40 -16.78
N GLY B 207 10.74 -6.69 -17.79
CA GLY B 207 10.67 -8.06 -18.32
C GLY B 207 9.84 -8.90 -17.40
N ILE B 208 9.12 -9.89 -17.92
CA ILE B 208 8.24 -10.71 -17.09
C ILE B 208 9.00 -11.49 -16.05
N GLY B 209 10.29 -11.74 -16.35
CA GLY B 209 11.01 -12.53 -15.33
C GLY B 209 11.17 -11.75 -14.04
N LYS B 210 11.63 -10.48 -14.12
CA LYS B 210 11.73 -9.76 -12.84
C LYS B 210 10.34 -9.46 -12.31
N VAL B 211 9.35 -9.28 -13.22
CA VAL B 211 8.02 -9.12 -12.64
C VAL B 211 7.60 -10.28 -11.73
N MET B 212 7.87 -11.50 -12.14
CA MET B 212 7.42 -12.64 -11.31
C MET B 212 8.29 -12.75 -10.06
N GLU B 213 9.57 -12.40 -10.22
CA GLU B 213 10.42 -12.45 -9.02
C GLU B 213 9.94 -11.49 -7.98
N GLU B 214 9.63 -10.26 -8.40
CA GLU B 214 9.21 -9.23 -7.47
C GLU B 214 7.81 -9.54 -6.97
N THR B 215 6.92 -10.03 -7.84
CA THR B 215 5.59 -10.42 -7.35
C THR B 215 5.62 -11.47 -6.25
N LEU B 216 6.45 -12.49 -6.52
CA LEU B 216 6.39 -13.62 -5.57
C LEU B 216 7.14 -13.24 -4.31
N SER B 217 8.19 -12.44 -4.44
CA SER B 217 8.86 -12.01 -3.19
C SER B 217 7.94 -11.09 -2.39
N TYR B 218 7.21 -10.23 -3.09
CA TYR B 218 6.26 -9.40 -2.37
C TYR B 218 5.17 -10.18 -1.65
N LEU B 219 4.62 -11.18 -2.32
CA LEU B 219 3.54 -11.92 -1.68
C LEU B 219 4.02 -13.01 -0.71
N LEU B 220 5.17 -13.62 -0.91
CA LEU B 220 5.61 -14.79 -0.14
C LEU B 220 6.82 -14.49 0.75
N GLY B 221 7.37 -13.29 0.60
CA GLY B 221 8.48 -12.82 1.39
C GLY B 221 8.31 -13.15 2.87
N ARG B 222 7.37 -12.47 3.51
CA ARG B 222 7.10 -12.59 4.95
C ARG B 222 6.90 -14.04 5.37
N LYS B 223 5.93 -14.73 4.76
CA LYS B 223 5.71 -16.15 4.99
C LYS B 223 5.18 -16.79 3.70
N LYS B 224 5.31 -18.09 3.62
CA LYS B 224 4.73 -18.88 2.54
C LYS B 224 3.24 -19.05 2.80
N ARG B 225 2.35 -18.48 1.99
CA ARG B 225 0.91 -18.64 2.25
C ARG B 225 0.27 -19.04 0.94
N PRO B 226 -0.97 -19.46 0.93
CA PRO B 226 -1.52 -20.02 -0.30
C PRO B 226 -1.78 -18.91 -1.33
N ILE B 227 -1.70 -19.31 -2.60
CA ILE B 227 -1.95 -18.32 -3.65
C ILE B 227 -3.23 -18.58 -4.44
N HIS B 228 -3.89 -17.45 -4.69
CA HIS B 228 -5.05 -17.45 -5.54
C HIS B 228 -4.73 -16.75 -6.86
N LEU B 229 -4.74 -17.47 -7.96
CA LEU B 229 -4.49 -16.81 -9.26
C LEU B 229 -5.84 -16.60 -9.94
N SER B 230 -6.16 -15.34 -10.08
CA SER B 230 -7.37 -14.97 -10.86
C SER B 230 -6.93 -14.50 -12.24
N PHE B 231 -7.13 -15.37 -13.23
CA PHE B 231 -6.67 -15.10 -14.58
C PHE B 231 -7.83 -14.72 -15.50
N ASP B 232 -7.86 -13.45 -15.87
CA ASP B 232 -8.72 -12.95 -16.95
C ASP B 232 -7.99 -13.12 -18.27
N VAL B 233 -8.56 -13.86 -19.24
CA VAL B 233 -7.84 -14.02 -20.51
C VAL B 233 -7.66 -12.72 -21.24
N ASP B 234 -8.42 -11.66 -20.90
CA ASP B 234 -8.14 -10.37 -21.53
C ASP B 234 -6.85 -9.73 -21.04
N GLY B 235 -6.19 -10.39 -20.08
CA GLY B 235 -4.87 -9.85 -19.82
C GLY B 235 -3.86 -10.14 -20.90
N LEU B 236 -4.06 -11.22 -21.67
CA LEU B 236 -3.20 -11.52 -22.79
C LEU B 236 -3.68 -10.68 -24.02
N ASP B 237 -2.73 -10.45 -24.88
CA ASP B 237 -2.95 -9.62 -26.06
C ASP B 237 -4.08 -10.26 -26.88
N PRO B 238 -4.94 -9.43 -27.46
CA PRO B 238 -5.98 -9.98 -28.35
C PRO B 238 -5.48 -10.81 -29.52
N SER B 239 -4.19 -10.72 -29.86
CA SER B 239 -3.69 -11.66 -30.88
C SER B 239 -3.62 -13.09 -30.39
N PHE B 240 -3.70 -13.33 -29.08
CA PHE B 240 -3.75 -14.63 -28.44
C PHE B 240 -5.11 -15.05 -27.91
N THR B 241 -5.85 -14.08 -27.31
CA THR B 241 -7.17 -14.40 -26.77
C THR B 241 -8.22 -13.40 -27.26
N PRO B 242 -8.47 -13.39 -28.57
CA PRO B 242 -9.46 -12.45 -29.14
C PRO B 242 -10.88 -12.63 -28.65
N ALA B 243 -11.28 -13.85 -28.30
CA ALA B 243 -12.62 -14.21 -27.93
C ALA B 243 -12.93 -13.92 -26.46
N THR B 244 -13.04 -12.64 -26.17
CA THR B 244 -13.40 -12.14 -24.84
C THR B 244 -14.11 -10.82 -25.00
N GLY B 245 -14.85 -10.38 -23.99
CA GLY B 245 -15.72 -9.22 -24.05
C GLY B 245 -15.04 -7.90 -24.30
N THR B 246 -13.88 -7.64 -23.67
CA THR B 246 -13.22 -6.35 -23.85
C THR B 246 -11.72 -6.53 -24.06
N PRO B 247 -11.31 -6.81 -25.29
CA PRO B 247 -9.90 -6.89 -25.66
C PRO B 247 -9.27 -5.52 -25.70
N VAL B 248 -8.02 -5.50 -25.24
CA VAL B 248 -7.24 -4.28 -25.14
C VAL B 248 -5.87 -4.57 -25.72
N VAL B 249 -5.47 -3.78 -26.68
CA VAL B 249 -4.24 -4.01 -27.43
C VAL B 249 -3.03 -3.86 -26.50
N GLY B 250 -1.90 -4.40 -26.92
CA GLY B 250 -0.68 -4.24 -26.16
C GLY B 250 -0.58 -5.13 -24.94
N GLY B 251 -1.11 -6.35 -25.03
CA GLY B 251 -1.21 -7.19 -23.86
C GLY B 251 -0.04 -8.12 -23.63
N LEU B 252 -0.19 -8.93 -22.56
CA LEU B 252 0.82 -9.97 -22.32
C LEU B 252 0.91 -10.93 -23.48
N THR B 253 2.11 -11.39 -23.79
CA THR B 253 2.20 -12.38 -24.85
C THR B 253 1.82 -13.75 -24.32
N TYR B 254 1.66 -14.68 -25.27
CA TYR B 254 1.39 -16.06 -24.90
C TYR B 254 2.56 -16.57 -24.05
N ARG B 255 3.78 -16.27 -24.50
CA ARG B 255 4.93 -16.69 -23.68
C ARG B 255 4.90 -16.11 -22.28
N GLU B 256 4.59 -14.81 -22.12
CA GLU B 256 4.51 -14.18 -20.82
C GLU B 256 3.42 -14.84 -19.97
N GLY B 257 2.30 -15.19 -20.59
CA GLY B 257 1.24 -15.91 -19.88
C GLY B 257 1.72 -17.26 -19.37
N LEU B 258 2.43 -18.02 -20.21
CA LEU B 258 2.93 -19.31 -19.70
C LEU B 258 3.98 -19.04 -18.62
N TYR B 259 4.74 -17.96 -18.77
CA TYR B 259 5.84 -17.77 -17.78
C TYR B 259 5.26 -17.52 -16.40
N ILE B 260 4.27 -16.62 -16.36
CA ILE B 260 3.59 -16.31 -15.11
C ILE B 260 3.09 -17.56 -14.42
N THR B 261 2.43 -18.43 -15.17
CA THR B 261 1.78 -19.60 -14.56
C THR B 261 2.81 -20.70 -14.25
N GLU B 262 3.84 -20.85 -15.09
CA GLU B 262 4.95 -21.76 -14.76
C GLU B 262 5.59 -21.35 -13.44
N GLU B 263 5.81 -20.07 -13.19
CA GLU B 263 6.49 -19.59 -11.98
C GLU B 263 5.60 -19.79 -10.78
N ILE B 264 4.29 -19.56 -10.96
CA ILE B 264 3.41 -19.78 -9.82
C ILE B 264 3.33 -21.25 -9.50
N TYR B 265 3.25 -22.12 -10.51
CA TYR B 265 3.28 -23.56 -10.26
C TYR B 265 4.47 -23.94 -9.37
N LYS B 266 5.64 -23.38 -9.72
CA LYS B 266 6.86 -23.87 -9.07
C LYS B 266 6.91 -23.46 -7.62
N THR B 267 6.06 -22.53 -7.20
CA THR B 267 6.10 -22.15 -5.81
C THR B 267 5.56 -23.29 -4.93
N GLY B 268 4.73 -24.11 -5.55
CA GLY B 268 4.06 -25.18 -4.85
C GLY B 268 2.90 -24.66 -4.03
N LEU B 269 2.61 -23.36 -4.09
CA LEU B 269 1.59 -22.80 -3.22
C LEU B 269 0.31 -22.42 -3.97
N LEU B 270 0.19 -22.77 -5.25
CA LEU B 270 -1.11 -22.41 -5.83
C LEU B 270 -2.26 -23.11 -5.10
N SER B 271 -3.30 -22.37 -4.75
CA SER B 271 -4.37 -22.93 -3.92
C SER B 271 -5.73 -22.77 -4.60
N GLY B 272 -5.88 -21.74 -5.43
CA GLY B 272 -7.13 -21.67 -6.22
C GLY B 272 -6.81 -20.92 -7.51
N LEU B 273 -7.59 -21.19 -8.55
CA LEU B 273 -7.37 -20.61 -9.86
C LEU B 273 -8.71 -20.26 -10.51
N ASP B 274 -8.77 -19.05 -11.01
CA ASP B 274 -9.88 -18.64 -11.89
C ASP B 274 -9.41 -18.49 -13.32
N ILE B 275 -10.15 -19.10 -14.28
CA ILE B 275 -9.91 -18.86 -15.69
C ILE B 275 -11.16 -18.19 -16.24
N MET B 276 -11.11 -16.86 -16.39
CA MET B 276 -12.30 -16.05 -16.63
C MET B 276 -12.32 -15.35 -17.96
N GLU B 277 -13.55 -14.98 -18.36
CA GLU B 277 -13.88 -14.10 -19.47
C GLU B 277 -13.63 -14.71 -20.86
N VAL B 278 -13.48 -16.02 -20.98
CA VAL B 278 -13.52 -16.59 -22.33
C VAL B 278 -14.95 -16.49 -22.89
N ASN B 279 -15.11 -15.87 -24.05
CA ASN B 279 -16.47 -15.79 -24.64
C ASN B 279 -16.40 -16.22 -26.11
N PRO B 280 -16.69 -17.49 -26.26
CA PRO B 280 -16.54 -18.11 -27.58
C PRO B 280 -17.41 -17.34 -28.55
N SER B 281 -18.62 -16.98 -28.10
CA SER B 281 -19.56 -16.34 -29.03
C SER B 281 -19.04 -15.03 -29.58
N LEU B 282 -17.95 -14.47 -29.10
CA LEU B 282 -17.33 -13.28 -29.60
C LEU B 282 -16.14 -13.48 -30.53
N GLY B 283 -15.71 -14.68 -30.90
CA GLY B 283 -14.62 -14.71 -31.90
C GLY B 283 -15.14 -14.27 -33.27
N LYS B 284 -14.32 -13.73 -34.15
CA LYS B 284 -14.88 -13.31 -35.44
C LYS B 284 -14.99 -14.53 -36.35
N THR B 285 -14.05 -15.43 -36.16
CA THR B 285 -13.93 -16.67 -36.90
C THR B 285 -13.83 -17.86 -35.96
N PRO B 286 -14.17 -19.07 -36.41
CA PRO B 286 -13.94 -20.25 -35.56
C PRO B 286 -12.47 -20.39 -35.21
N GLU B 287 -11.54 -19.90 -36.03
CA GLU B 287 -10.16 -20.04 -35.54
C GLU B 287 -9.94 -19.14 -34.31
N GLU B 288 -10.57 -17.99 -34.24
CA GLU B 288 -10.31 -17.12 -33.07
C GLU B 288 -10.81 -17.74 -31.77
N VAL B 289 -11.86 -18.55 -31.90
CA VAL B 289 -12.39 -19.27 -30.76
C VAL B 289 -11.40 -20.34 -30.34
N THR B 290 -10.96 -21.20 -31.28
CA THR B 290 -10.05 -22.25 -30.81
C THR B 290 -8.74 -21.64 -30.32
N ARG B 291 -8.31 -20.54 -30.91
CA ARG B 291 -7.09 -19.86 -30.50
C ARG B 291 -7.25 -19.43 -29.04
N THR B 292 -8.41 -18.83 -28.75
CA THR B 292 -8.63 -18.35 -27.40
C THR B 292 -8.72 -19.47 -26.39
N VAL B 293 -9.54 -20.48 -26.69
CA VAL B 293 -9.73 -21.63 -25.84
C VAL B 293 -8.40 -22.37 -25.63
N ASN B 294 -7.69 -22.67 -26.72
CA ASN B 294 -6.43 -23.38 -26.67
C ASN B 294 -5.42 -22.63 -25.80
N THR B 295 -5.37 -21.30 -25.90
CA THR B 295 -4.44 -20.58 -24.99
C THR B 295 -4.86 -20.66 -23.55
N ALA B 296 -6.17 -20.50 -23.24
CA ALA B 296 -6.70 -20.63 -21.90
C ALA B 296 -6.35 -22.00 -21.32
N VAL B 297 -6.44 -23.03 -22.17
CA VAL B 297 -6.13 -24.39 -21.69
C VAL B 297 -4.66 -24.53 -21.38
N ALA B 298 -3.86 -23.98 -22.28
CA ALA B 298 -2.40 -24.03 -22.02
C ALA B 298 -2.00 -23.31 -20.77
N ILE B 299 -2.60 -22.15 -20.50
CA ILE B 299 -2.35 -21.36 -19.29
C ILE B 299 -2.69 -22.17 -18.06
N THR B 300 -3.83 -22.85 -18.14
CA THR B 300 -4.32 -23.73 -17.09
C THR B 300 -3.38 -24.92 -16.88
N LEU B 301 -2.97 -25.60 -17.94
CA LEU B 301 -2.06 -26.75 -17.85
C LEU B 301 -0.76 -26.37 -17.15
N ALA B 302 -0.23 -25.19 -17.50
CA ALA B 302 0.99 -24.71 -16.81
C ALA B 302 0.80 -24.51 -15.33
N CYS B 303 -0.39 -24.07 -14.92
CA CYS B 303 -0.62 -23.89 -13.50
C CYS B 303 -0.46 -25.21 -12.72
N PHE B 304 -0.62 -26.33 -13.39
CA PHE B 304 -0.59 -27.63 -12.71
C PHE B 304 0.62 -28.41 -13.19
N GLY B 305 1.63 -27.69 -13.70
CA GLY B 305 2.95 -28.27 -13.85
C GLY B 305 3.45 -28.55 -15.23
N LEU B 306 2.62 -28.43 -16.28
CA LEU B 306 3.13 -28.56 -17.61
C LEU B 306 4.20 -27.45 -17.85
N ALA B 307 5.37 -27.95 -18.24
CA ALA B 307 6.55 -27.08 -18.37
C ALA B 307 7.11 -27.10 -19.76
N ARG B 308 7.44 -25.96 -20.36
CA ARG B 308 8.03 -25.89 -21.68
C ARG B 308 9.37 -26.62 -21.76
N GLU B 309 10.18 -26.72 -20.71
CA GLU B 309 11.42 -27.51 -20.78
C GLU B 309 11.16 -29.00 -20.84
N GLY B 310 9.92 -29.39 -20.59
CA GLY B 310 9.59 -30.81 -20.50
C GLY B 310 9.23 -31.22 -19.09
N ASN B 311 8.74 -32.46 -19.03
CA ASN B 311 8.28 -33.11 -17.83
C ASN B 311 8.61 -34.61 -17.87
N HIS B 312 8.95 -35.18 -16.72
CA HIS B 312 9.01 -36.65 -16.79
C HIS B 312 8.54 -37.20 -15.45
N LYS B 313 8.11 -38.45 -15.47
CA LYS B 313 7.62 -39.10 -14.25
C LYS B 313 8.79 -39.77 -13.55
N PRO B 314 8.64 -40.16 -12.30
CA PRO B 314 9.74 -40.85 -11.61
C PRO B 314 9.97 -42.27 -12.13
N ILE B 315 10.63 -42.38 -13.28
CA ILE B 315 11.13 -43.68 -13.72
C ILE B 315 12.42 -43.48 -14.52
N ASP B 316 13.27 -44.50 -14.53
CA ASP B 316 14.42 -44.42 -15.44
C ASP B 316 13.88 -44.61 -16.86
N TYR B 317 14.14 -43.62 -17.69
CA TYR B 317 13.63 -43.63 -19.06
C TYR B 317 14.57 -44.37 -20.00
N LEU B 318 15.84 -44.47 -19.60
CA LEU B 318 16.86 -45.13 -20.42
C LEU B 318 16.99 -46.60 -20.05
#